data_6HM3
#
_entry.id   6HM3
#
_cell.length_a   39.400
_cell.length_b   59.170
_cell.length_c   120.430
_cell.angle_alpha   90.000
_cell.angle_beta   90.000
_cell.angle_gamma   90.000
#
_symmetry.space_group_name_H-M   'P 21 21 21'
#
loop_
_entity.id
_entity.type
_entity.pdbx_description
1 polymer 'S-M checkpoint control protein rad4'
2 polymer 'DNA replication regulator sld3'
3 non-polymer GLYCEROL
4 non-polymer 'CALCIUM ION'
5 water water
#
loop_
_entity_poly.entity_id
_entity_poly.type
_entity_poly.pdbx_seq_one_letter_code
_entity_poly.pdbx_strand_id
1 'polypeptide(L)'
;MGSSKPLKGFVICCTSIDLKQRTEISTKATKLGAAYRSDFTKDVTHLIAGDFDTPKYKFAAKSRPDIKIMSSEWIPVLYE
SWVQGEDLDDGLLVDKHLLPTLFKCRVCLTNIGQPERSRIENYVLKHGGTFCPDLTRDVTHLIAGTSSGRKYEYALKWKI
NVVCVEWLWQSIQRNAVLEPQYFQLD
;
A
2 'polypeptide(L)' GYDSILVQA(TPO)PRKSSSVITELPD(TPO)PIKMNS B
#
loop_
_chem_comp.id
_chem_comp.type
_chem_comp.name
_chem_comp.formula
CA non-polymer 'CALCIUM ION' 'Ca 2'
GOL non-polymer GLYCEROL 'C3 H8 O3'
#
# COMPACT_ATOMS: atom_id res chain seq x y z
N SER A 4 8.97 -25.93 -14.59
CA SER A 4 7.62 -26.30 -14.98
C SER A 4 6.61 -25.23 -14.53
N LYS A 5 6.33 -25.15 -13.21
CA LYS A 5 5.34 -24.23 -12.66
C LYS A 5 5.94 -23.48 -11.47
N PRO A 6 6.60 -22.35 -11.73
CA PRO A 6 7.35 -21.67 -10.66
C PRO A 6 6.49 -21.21 -9.49
N LEU A 7 5.25 -20.80 -9.73
CA LEU A 7 4.41 -20.23 -8.68
C LEU A 7 3.37 -21.22 -8.16
N LYS A 8 3.63 -22.52 -8.27
CA LYS A 8 2.74 -23.49 -7.66
C LYS A 8 2.68 -23.22 -6.15
N GLY A 9 1.47 -23.32 -5.60
CA GLY A 9 1.24 -23.00 -4.21
C GLY A 9 0.92 -21.55 -3.92
N PHE A 10 1.24 -20.65 -4.85
CA PHE A 10 0.91 -19.24 -4.67
C PHE A 10 -0.56 -19.00 -4.92
N VAL A 11 -1.13 -18.03 -4.20
CA VAL A 11 -2.52 -17.63 -4.35
C VAL A 11 -2.52 -16.11 -4.31
N ILE A 12 -2.82 -15.47 -5.44
CA ILE A 12 -2.57 -14.06 -5.65
C ILE A 12 -3.90 -13.30 -5.71
N CYS A 13 -3.93 -12.11 -5.08
CA CYS A 13 -5.09 -11.24 -5.06
C CYS A 13 -4.59 -9.82 -5.32
N CYS A 14 -5.43 -8.97 -5.88
CA CYS A 14 -5.08 -7.60 -6.20
C CYS A 14 -5.99 -6.64 -5.45
N THR A 15 -5.44 -5.46 -5.14
CA THR A 15 -6.25 -4.37 -4.59
C THR A 15 -5.77 -3.05 -5.18
N SER A 16 -6.72 -2.24 -5.62
CA SER A 16 -6.44 -0.95 -6.28
C SER A 16 -5.49 -1.10 -7.46
N ILE A 17 -5.78 -2.11 -8.30
CA ILE A 17 -5.10 -2.31 -9.56
C ILE A 17 -6.12 -2.16 -10.68
N ASP A 18 -5.80 -1.36 -11.70
CA ASP A 18 -6.73 -1.14 -12.80
C ASP A 18 -7.04 -2.45 -13.51
N LEU A 19 -8.28 -2.54 -14.03
CA LEU A 19 -8.79 -3.79 -14.59
C LEU A 19 -7.84 -4.38 -15.63
N LYS A 20 -7.25 -3.54 -16.48
CA LYS A 20 -6.38 -4.07 -17.52
C LYS A 20 -5.15 -4.72 -16.93
N GLN A 21 -4.48 -4.03 -15.99
CA GLN A 21 -3.30 -4.62 -15.36
C GLN A 21 -3.69 -5.81 -14.47
N ARG A 22 -4.90 -5.83 -13.93
CA ARG A 22 -5.35 -6.97 -13.16
C ARG A 22 -5.48 -8.20 -14.04
N THR A 23 -6.03 -8.04 -15.24
CA THR A 23 -6.12 -9.15 -16.17
C THR A 23 -4.74 -9.63 -16.59
N GLU A 24 -3.81 -8.69 -16.84
CA GLU A 24 -2.45 -9.10 -17.15
C GLU A 24 -1.84 -9.93 -16.03
N ILE A 25 -2.00 -9.48 -14.78
CA ILE A 25 -1.45 -10.21 -13.65
C ILE A 25 -2.13 -11.56 -13.51
N SER A 26 -3.46 -11.57 -13.63
CA SER A 26 -4.22 -12.80 -13.51
C SER A 26 -3.77 -13.83 -14.54
N THR A 27 -3.65 -13.41 -15.79
CA THR A 27 -3.31 -14.38 -16.83
C THR A 27 -1.87 -14.87 -16.69
N LYS A 28 -0.93 -13.96 -16.40
CA LYS A 28 0.47 -14.39 -16.32
C LYS A 28 0.77 -15.16 -15.04
N ALA A 29 0.12 -14.81 -13.93
CA ALA A 29 0.30 -15.60 -12.71
C ALA A 29 -0.24 -17.01 -12.88
N THR A 30 -1.42 -17.15 -13.49
CA THR A 30 -1.94 -18.49 -13.76
C THR A 30 -1.00 -19.27 -14.67
N LYS A 31 -0.49 -18.63 -15.73
CA LYS A 31 0.48 -19.30 -16.59
C LYS A 31 1.70 -19.77 -15.80
N LEU A 32 2.08 -19.03 -14.76
CA LEU A 32 3.21 -19.41 -13.94
C LEU A 32 2.87 -20.51 -12.94
N GLY A 33 1.60 -20.92 -12.85
CA GLY A 33 1.20 -21.98 -11.94
C GLY A 33 0.53 -21.52 -10.67
N ALA A 34 0.35 -20.22 -10.48
CA ALA A 34 -0.32 -19.72 -9.30
C ALA A 34 -1.83 -19.81 -9.47
N ALA A 35 -2.54 -19.70 -8.36
CA ALA A 35 -3.98 -19.48 -8.35
C ALA A 35 -4.25 -18.00 -8.16
N TYR A 36 -5.39 -17.55 -8.66
CA TYR A 36 -5.78 -16.15 -8.61
C TYR A 36 -7.13 -16.00 -7.93
N ARG A 37 -7.27 -14.99 -7.08
CA ARG A 37 -8.53 -14.73 -6.39
C ARG A 37 -8.94 -13.29 -6.63
N SER A 38 -10.21 -13.09 -6.99
CA SER A 38 -10.73 -11.73 -7.05
C SER A 38 -11.14 -11.24 -5.68
N ASP A 39 -11.92 -12.05 -4.95
CA ASP A 39 -12.12 -11.79 -3.53
C ASP A 39 -10.84 -12.09 -2.75
N PHE A 40 -10.67 -11.39 -1.63
CA PHE A 40 -9.62 -11.70 -0.67
C PHE A 40 -10.12 -12.88 0.17
N THR A 41 -9.66 -14.08 -0.18
CA THR A 41 -10.07 -15.31 0.49
C THR A 41 -9.02 -15.74 1.49
N LYS A 42 -9.42 -16.66 2.38
CA LYS A 42 -8.52 -17.07 3.45
C LYS A 42 -7.21 -17.62 2.92
N ASP A 43 -7.23 -18.25 1.73
CA ASP A 43 -6.04 -18.92 1.23
C ASP A 43 -5.11 -18.01 0.41
N VAL A 44 -5.40 -16.70 0.32
CA VAL A 44 -4.47 -15.79 -0.34
C VAL A 44 -3.11 -15.83 0.34
N THR A 45 -2.04 -15.81 -0.46
CA THR A 45 -0.67 -15.72 0.03
C THR A 45 0.04 -14.43 -0.34
N HIS A 46 -0.35 -13.77 -1.43
CA HIS A 46 0.31 -12.57 -1.91
C HIS A 46 -0.73 -11.57 -2.38
N LEU A 47 -0.62 -10.33 -1.89
CA LEU A 47 -1.56 -9.26 -2.21
C LEU A 47 -0.81 -8.18 -2.98
N ILE A 48 -1.17 -8.00 -4.24
CA ILE A 48 -0.54 -7.00 -5.09
C ILE A 48 -1.36 -5.73 -4.92
N ALA A 49 -0.70 -4.67 -4.46
CA ALA A 49 -1.42 -3.48 -4.01
C ALA A 49 -0.94 -2.25 -4.74
N GLY A 50 -1.89 -1.39 -5.14
CA GLY A 50 -1.59 -0.12 -5.76
C GLY A 50 -1.92 1.07 -4.85
N ASP A 51 -2.38 0.76 -3.64
CA ASP A 51 -2.72 1.77 -2.63
C ASP A 51 -2.83 1.05 -1.29
N PHE A 52 -2.65 1.82 -0.21
CA PHE A 52 -2.82 1.28 1.13
C PHE A 52 -4.21 1.54 1.71
N ASP A 53 -4.97 2.45 1.11
CA ASP A 53 -6.27 2.88 1.64
C ASP A 53 -7.42 2.08 1.03
N THR A 54 -7.37 0.76 1.21
CA THR A 54 -8.43 -0.13 0.73
C THR A 54 -8.78 -1.15 1.79
N PRO A 55 -10.02 -1.67 1.78
CA PRO A 55 -10.38 -2.74 2.73
C PRO A 55 -9.49 -3.96 2.66
N LYS A 56 -9.05 -4.35 1.45
CA LYS A 56 -8.18 -5.51 1.32
C LYS A 56 -6.82 -5.24 1.97
N TYR A 57 -6.18 -4.12 1.62
CA TYR A 57 -4.91 -3.77 2.24
C TYR A 57 -5.08 -3.70 3.76
N LYS A 58 -6.13 -3.01 4.22
CA LYS A 58 -6.30 -2.83 5.66
C LYS A 58 -6.45 -4.16 6.38
N PHE A 59 -7.15 -5.12 5.77
CA PHE A 59 -7.29 -6.41 6.44
C PHE A 59 -5.98 -7.15 6.52
N ALA A 60 -5.19 -7.15 5.44
CA ALA A 60 -3.88 -7.81 5.48
C ALA A 60 -2.97 -7.17 6.53
N ALA A 61 -2.97 -5.83 6.61
CA ALA A 61 -2.15 -5.12 7.58
C ALA A 61 -2.61 -5.37 9.02
N LYS A 62 -3.93 -5.51 9.21
CA LYS A 62 -4.50 -5.68 10.54
C LYS A 62 -4.31 -7.10 11.07
N SER A 63 -4.46 -8.10 10.21
CA SER A 63 -4.66 -9.45 10.71
C SER A 63 -3.86 -10.54 10.03
N ARG A 64 -3.16 -10.30 8.92
CA ARG A 64 -2.53 -11.39 8.16
C ARG A 64 -1.09 -11.05 7.83
N PRO A 65 -0.21 -10.97 8.84
CA PRO A 65 1.22 -10.69 8.56
C PRO A 65 1.89 -11.75 7.70
N ASP A 66 1.30 -12.92 7.58
CA ASP A 66 1.88 -13.96 6.73
C ASP A 66 1.77 -13.62 5.24
N ILE A 67 0.87 -12.72 4.88
CA ILE A 67 0.64 -12.39 3.46
C ILE A 67 1.65 -11.34 3.03
N LYS A 68 2.29 -11.57 1.88
CA LYS A 68 3.26 -10.62 1.33
C LYS A 68 2.53 -9.56 0.50
N ILE A 69 2.85 -8.29 0.75
CA ILE A 69 2.26 -7.18 0.01
C ILE A 69 3.20 -6.80 -1.12
N MET A 70 2.76 -6.99 -2.37
CA MET A 70 3.62 -6.93 -3.53
C MET A 70 3.32 -5.71 -4.40
N SER A 71 4.35 -5.22 -5.08
CA SER A 71 4.13 -4.15 -6.04
C SER A 71 3.55 -4.69 -7.35
N SER A 72 2.95 -3.78 -8.12
CA SER A 72 2.21 -4.15 -9.33
C SER A 72 3.09 -4.74 -10.42
N GLU A 73 4.38 -4.48 -10.40
CA GLU A 73 5.24 -4.97 -11.47
C GLU A 73 5.88 -6.32 -11.16
N TRP A 74 5.65 -6.87 -9.95
CA TRP A 74 6.25 -8.17 -9.60
C TRP A 74 5.93 -9.24 -10.65
N ILE A 75 4.64 -9.53 -10.85
CA ILE A 75 4.28 -10.62 -11.78
C ILE A 75 4.73 -10.34 -13.20
N PRO A 76 4.51 -9.14 -13.77
CA PRO A 76 5.05 -8.90 -15.14
C PRO A 76 6.55 -9.10 -15.24
N VAL A 77 7.31 -8.64 -14.25
CA VAL A 77 8.77 -8.80 -14.29
C VAL A 77 9.16 -10.27 -14.16
N LEU A 78 8.55 -10.98 -13.20
CA LEU A 78 8.81 -12.41 -13.05
C LEU A 78 8.42 -13.17 -14.32
N TYR A 79 7.26 -12.84 -14.89
CA TYR A 79 6.82 -13.53 -16.10
C TYR A 79 7.80 -13.28 -17.24
N GLU A 80 8.25 -12.05 -17.41
CA GLU A 80 9.17 -11.76 -18.51
C GLU A 80 10.46 -12.54 -18.35
N SER A 81 10.99 -12.62 -17.13
CA SER A 81 12.23 -13.36 -16.91
C SER A 81 12.05 -14.83 -17.24
N TRP A 82 10.92 -15.42 -16.85
CA TRP A 82 10.66 -16.82 -17.13
C TRP A 82 10.48 -17.06 -18.62
N VAL A 83 9.66 -16.22 -19.29
CA VAL A 83 9.38 -16.41 -20.70
C VAL A 83 10.63 -16.19 -21.56
N GLN A 84 11.64 -15.51 -21.05
CA GLN A 84 12.94 -15.41 -21.72
C GLN A 84 13.84 -16.60 -21.40
N GLY A 85 13.31 -17.61 -20.70
CA GLY A 85 14.09 -18.77 -20.36
C GLY A 85 15.20 -18.55 -19.37
N GLU A 86 15.18 -17.45 -18.64
CA GLU A 86 16.15 -17.26 -17.56
C GLU A 86 15.81 -18.22 -16.41
N ASP A 87 16.82 -18.58 -15.64
CA ASP A 87 16.63 -19.50 -14.53
C ASP A 87 16.21 -18.73 -13.29
N LEU A 88 15.13 -19.18 -12.64
CA LEU A 88 14.56 -18.53 -11.48
C LEU A 88 15.07 -19.20 -10.22
N ASP A 89 15.52 -18.40 -9.25
CA ASP A 89 15.97 -18.95 -7.99
C ASP A 89 14.77 -19.24 -7.09
N ASP A 90 15.06 -19.74 -5.88
CA ASP A 90 13.99 -20.11 -4.95
C ASP A 90 13.16 -18.90 -4.53
N GLY A 91 13.77 -17.72 -4.50
CA GLY A 91 13.09 -16.53 -4.00
C GLY A 91 12.01 -15.99 -4.93
N LEU A 92 12.08 -16.35 -6.23
CA LEU A 92 11.07 -15.95 -7.20
C LEU A 92 10.89 -14.43 -7.26
N LEU A 93 11.96 -13.69 -6.97
CA LEU A 93 12.02 -12.24 -7.04
C LEU A 93 11.04 -11.57 -6.10
N VAL A 94 10.47 -12.32 -5.14
CA VAL A 94 9.48 -11.75 -4.21
C VAL A 94 10.08 -10.58 -3.42
N ASP A 95 11.25 -10.81 -2.82
CA ASP A 95 11.86 -9.79 -1.98
C ASP A 95 12.26 -8.55 -2.76
N LYS A 96 12.60 -8.69 -4.04
CA LYS A 96 12.98 -7.53 -4.82
C LYS A 96 11.78 -6.69 -5.25
N HIS A 97 10.55 -7.16 -5.05
CA HIS A 97 9.39 -6.41 -5.48
C HIS A 97 8.33 -6.31 -4.39
N LEU A 98 8.73 -6.42 -3.12
CA LEU A 98 7.84 -6.04 -2.04
C LEU A 98 7.41 -4.59 -2.21
N LEU A 99 6.13 -4.30 -1.99
CA LEU A 99 5.69 -2.91 -2.04
C LEU A 99 6.39 -2.12 -0.95
N PRO A 100 6.93 -0.94 -1.24
CA PRO A 100 7.57 -0.14 -0.19
C PRO A 100 6.59 0.12 0.93
N THR A 101 7.10 0.06 2.17
CA THR A 101 6.22 0.14 3.33
C THR A 101 5.37 1.41 3.31
N LEU A 102 5.96 2.55 2.97
CA LEU A 102 5.26 3.82 3.00
C LEU A 102 4.88 4.31 1.61
N PHE A 103 4.72 3.38 0.66
CA PHE A 103 4.19 3.70 -0.67
C PHE A 103 2.98 4.63 -0.58
N LYS A 104 3.05 5.75 -1.30
CA LYS A 104 1.98 6.75 -1.46
C LYS A 104 1.71 7.52 -0.17
N CYS A 105 2.49 7.31 0.88
CA CYS A 105 2.37 8.13 2.07
C CYS A 105 3.06 9.47 1.86
N ARG A 106 2.43 10.54 2.35
CA ARG A 106 2.99 11.88 2.30
C ARG A 106 2.94 12.36 3.72
N VAL A 107 4.10 12.42 4.37
CA VAL A 107 4.18 12.55 5.83
C VAL A 107 4.65 13.95 6.20
N CYS A 108 3.90 14.61 7.08
CA CYS A 108 4.21 15.91 7.63
C CYS A 108 4.40 15.78 9.14
N LEU A 109 5.12 16.72 9.76
CA LEU A 109 5.37 16.68 11.21
C LEU A 109 5.02 18.00 11.88
N THR A 110 4.69 17.93 13.17
CA THR A 110 4.53 19.15 13.94
C THR A 110 4.84 18.89 15.41
N ASN A 111 5.39 19.91 16.07
CA ASN A 111 5.63 19.87 17.52
C ASN A 111 6.61 18.76 17.89
N ILE A 112 7.61 18.57 17.06
CA ILE A 112 8.69 17.63 17.32
C ILE A 112 9.99 18.38 17.06
N GLY A 113 10.95 18.21 17.95
CA GLY A 113 12.15 19.01 17.89
C GLY A 113 13.16 18.46 16.90
N GLN A 114 14.20 19.20 16.75
CA GLN A 114 15.40 18.60 16.20
C GLN A 114 16.20 17.95 17.33
N PRO A 115 16.93 16.87 17.08
CA PRO A 115 17.20 16.20 15.80
C PRO A 115 16.15 15.17 15.36
N GLU A 116 15.04 15.08 16.09
CA GLU A 116 14.04 14.06 15.77
C GLU A 116 13.45 14.28 14.38
N ARG A 117 13.26 15.55 14.00
CA ARG A 117 12.70 15.86 12.69
C ARG A 117 13.55 15.29 11.57
N SER A 118 14.87 15.46 11.67
CA SER A 118 15.76 14.98 10.62
CA SER A 118 15.76 14.97 10.61
C SER A 118 15.75 13.45 10.54
N ARG A 119 15.74 12.79 11.69
CA ARG A 119 15.69 11.33 11.70
C ARG A 119 14.39 10.82 11.07
N ILE A 120 13.26 11.42 11.42
CA ILE A 120 11.98 10.96 10.88
C ILE A 120 11.99 11.06 9.36
N GLU A 121 12.44 12.21 8.83
CA GLU A 121 12.52 12.37 7.37
C GLU A 121 13.38 11.27 6.74
N ASN A 122 14.51 10.95 7.35
CA ASN A 122 15.38 9.89 6.86
C ASN A 122 14.61 8.58 6.67
N TYR A 123 13.84 8.17 7.68
CA TYR A 123 13.17 6.89 7.63
C TYR A 123 11.97 6.91 6.69
N VAL A 124 11.27 8.04 6.58
CA VAL A 124 10.17 8.13 5.63
C VAL A 124 10.69 7.91 4.22
N LEU A 125 11.77 8.61 3.85
CA LEU A 125 12.32 8.48 2.50
C LEU A 125 12.89 7.09 2.27
N LYS A 126 13.55 6.51 3.28
CA LYS A 126 14.15 5.19 3.13
C LYS A 126 13.10 4.12 2.87
N HIS A 127 11.87 4.33 3.32
CA HIS A 127 10.83 3.31 3.17
C HIS A 127 9.79 3.71 2.12
N GLY A 128 10.16 4.59 1.20
CA GLY A 128 9.38 4.81 0.00
C GLY A 128 8.34 5.89 0.08
N GLY A 129 8.32 6.66 1.17
CA GLY A 129 7.35 7.73 1.31
C GLY A 129 7.90 9.08 0.86
N THR A 130 7.04 10.07 0.91
CA THR A 130 7.40 11.46 0.64
C THR A 130 7.34 12.25 1.94
N PHE A 131 8.34 13.08 2.17
CA PHE A 131 8.35 13.95 3.34
C PHE A 131 7.89 15.35 2.97
N CYS A 132 7.01 15.92 3.80
CA CYS A 132 6.36 17.21 3.50
C CYS A 132 6.65 18.22 4.60
N PRO A 133 7.56 19.16 4.38
CA PRO A 133 7.79 20.22 5.39
C PRO A 133 6.56 21.06 5.67
N ASP A 134 5.72 21.31 4.67
CA ASP A 134 4.50 22.10 4.81
C ASP A 134 3.28 21.19 4.79
N LEU A 135 2.26 21.55 5.56
CA LEU A 135 0.99 20.83 5.51
C LEU A 135 0.16 21.34 4.34
N THR A 136 -0.15 20.45 3.40
CA THR A 136 -1.08 20.71 2.31
C THR A 136 -2.20 19.67 2.34
N ARG A 137 -3.18 19.85 1.46
CA ARG A 137 -4.36 19.00 1.49
C ARG A 137 -4.08 17.57 1.04
N ASP A 138 -2.95 17.31 0.39
CA ASP A 138 -2.67 15.94 -0.04
C ASP A 138 -1.70 15.22 0.87
N VAL A 139 -1.40 15.81 2.04
CA VAL A 139 -0.69 15.07 3.08
C VAL A 139 -1.57 13.92 3.54
N THR A 140 -0.98 12.73 3.70
CA THR A 140 -1.74 11.59 4.19
C THR A 140 -1.62 11.39 5.70
N HIS A 141 -0.50 11.77 6.29
CA HIS A 141 -0.27 11.55 7.72
C HIS A 141 0.44 12.75 8.31
N LEU A 142 -0.15 13.36 9.36
CA LEU A 142 0.55 14.37 10.16
C LEU A 142 0.96 13.71 11.46
N ILE A 143 2.27 13.60 11.67
CA ILE A 143 2.81 13.10 12.92
C ILE A 143 2.90 14.29 13.87
N ALA A 144 2.18 14.24 14.99
CA ALA A 144 2.07 15.39 15.89
C ALA A 144 2.60 15.04 17.28
N GLY A 145 3.54 15.83 17.78
CA GLY A 145 4.11 15.55 19.09
C GLY A 145 3.16 15.91 20.22
N THR A 146 2.24 16.84 19.97
CA THR A 146 1.15 17.13 20.88
C THR A 146 0.03 17.73 20.06
N SER A 147 -1.15 17.81 20.65
CA SER A 147 -2.35 18.18 19.92
C SER A 147 -2.60 19.68 20.03
N SER A 148 -1.72 20.46 19.41
CA SER A 148 -1.89 21.91 19.35
C SER A 148 -1.08 22.46 18.19
N GLY A 149 -1.38 23.69 17.81
CA GLY A 149 -0.67 24.37 16.75
C GLY A 149 -1.44 24.37 15.45
N ARG A 150 -0.94 25.16 14.49
CA ARG A 150 -1.67 25.43 13.26
C ARG A 150 -1.73 24.20 12.34
N LYS A 151 -0.60 23.50 12.17
CA LYS A 151 -0.63 22.27 11.37
C LYS A 151 -1.66 21.30 11.92
N TYR A 152 -1.66 21.11 13.25
CA TYR A 152 -2.60 20.20 13.88
C TYR A 152 -4.04 20.65 13.63
N GLU A 153 -4.34 21.92 13.87
CA GLU A 153 -5.72 22.37 13.74
C GLU A 153 -6.22 22.24 12.31
N TYR A 154 -5.37 22.55 11.33
CA TYR A 154 -5.81 22.46 9.94
C TYR A 154 -5.83 21.02 9.44
N ALA A 155 -4.97 20.15 9.95
CA ALA A 155 -5.13 18.73 9.67
C ALA A 155 -6.52 18.25 10.09
N LEU A 156 -6.97 18.65 11.29
CA LEU A 156 -8.31 18.30 11.73
C LEU A 156 -9.37 18.87 10.79
N LYS A 157 -9.20 20.13 10.38
CA LYS A 157 -10.17 20.76 9.46
C LYS A 157 -10.23 20.02 8.14
N TRP A 158 -9.08 19.60 7.63
CA TRP A 158 -8.98 18.96 6.32
C TRP A 158 -9.15 17.44 6.38
N LYS A 159 -9.46 16.88 7.55
CA LYS A 159 -9.72 15.44 7.71
C LYS A 159 -8.47 14.61 7.38
N ILE A 160 -7.30 15.12 7.74
CA ILE A 160 -6.04 14.43 7.52
C ILE A 160 -5.69 13.65 8.78
N ASN A 161 -5.24 12.40 8.62
CA ASN A 161 -4.82 11.58 9.75
C ASN A 161 -3.81 12.33 10.62
N VAL A 162 -4.06 12.31 11.94
CA VAL A 162 -3.10 12.83 12.92
C VAL A 162 -2.71 11.68 13.83
N VAL A 163 -1.41 11.36 13.88
CA VAL A 163 -0.91 10.19 14.59
C VAL A 163 0.32 10.59 15.41
N CYS A 164 0.59 9.79 16.45
CA CYS A 164 1.87 9.90 17.13
C CYS A 164 2.96 9.19 16.31
N VAL A 165 4.22 9.46 16.66
CA VAL A 165 5.34 8.96 15.85
C VAL A 165 5.43 7.44 15.88
N GLU A 166 4.81 6.80 16.86
CA GLU A 166 4.81 5.34 16.90
C GLU A 166 4.10 4.74 15.69
N TRP A 167 3.19 5.47 15.05
CA TRP A 167 2.64 5.01 13.78
C TRP A 167 3.74 4.69 12.77
N LEU A 168 4.73 5.57 12.68
CA LEU A 168 5.83 5.36 11.74
C LEU A 168 6.69 4.17 12.11
N TRP A 169 7.13 4.10 13.38
CA TRP A 169 8.02 3.00 13.75
C TRP A 169 7.32 1.66 13.61
N GLN A 170 6.06 1.58 14.02
CA GLN A 170 5.38 0.31 13.97
CA GLN A 170 5.32 0.33 13.98
C GLN A 170 4.93 -0.06 12.56
N SER A 171 4.66 0.92 11.69
CA SER A 171 4.42 0.59 10.30
C SER A 171 5.68 0.03 9.66
N ILE A 172 6.83 0.66 9.95
CA ILE A 172 8.11 0.16 9.42
C ILE A 172 8.35 -1.27 9.89
N GLN A 173 8.14 -1.53 11.19
CA GLN A 173 8.39 -2.86 11.74
C GLN A 173 7.43 -3.88 11.17
N ARG A 174 6.20 -3.46 10.88
CA ARG A 174 5.17 -4.34 10.33
C ARG A 174 5.28 -4.50 8.81
N ASN A 175 6.11 -3.70 8.14
CA ASN A 175 6.22 -3.67 6.68
C ASN A 175 4.88 -3.37 6.01
N ALA A 176 4.04 -2.55 6.65
CA ALA A 176 2.78 -2.15 6.08
C ALA A 176 2.35 -0.86 6.75
N VAL A 177 1.58 -0.05 6.02
CA VAL A 177 0.95 1.13 6.62
C VAL A 177 -0.11 0.67 7.61
N LEU A 178 -0.01 1.12 8.86
CA LEU A 178 -1.00 0.77 9.86
C LEU A 178 -2.09 1.86 9.89
N GLU A 179 -3.30 1.47 10.29
CA GLU A 179 -4.41 2.41 10.32
C GLU A 179 -4.22 3.46 11.42
N PRO A 180 -4.72 4.68 11.22
CA PRO A 180 -4.35 5.79 12.11
C PRO A 180 -4.99 5.73 13.47
N GLN A 181 -6.16 5.11 13.64
CA GLN A 181 -6.81 5.15 14.95
C GLN A 181 -6.02 4.40 16.01
N TYR A 182 -5.18 3.45 15.61
CA TYR A 182 -4.29 2.76 16.53
C TYR A 182 -3.24 3.67 17.12
N PHE A 183 -3.06 4.87 16.57
CA PHE A 183 -2.00 5.78 16.96
C PHE A 183 -2.53 7.18 17.22
N GLN A 184 -3.78 7.27 17.64
CA GLN A 184 -4.37 8.57 17.93
C GLN A 184 -3.74 9.17 19.19
N LEU A 185 -3.66 10.50 19.20
CA LEU A 185 -3.12 11.20 20.35
C LEU A 185 -4.10 11.14 21.53
N ASP A 186 -3.55 11.23 22.74
CA ASP A 186 -4.24 11.23 24.05
C ASP A 186 -4.71 9.82 24.43
N TYR B 2 -8.99 -22.87 0.94
CA TYR B 2 -10.18 -22.39 1.64
C TYR B 2 -10.71 -21.09 1.04
N ASP B 3 -11.94 -21.14 0.53
CA ASP B 3 -12.51 -20.07 -0.26
C ASP B 3 -13.37 -19.10 0.56
N SER B 4 -13.31 -19.18 1.89
CA SER B 4 -14.06 -18.24 2.71
C SER B 4 -13.61 -16.82 2.40
N ILE B 5 -14.56 -15.91 2.24
CA ILE B 5 -14.27 -14.55 1.82
C ILE B 5 -13.97 -13.69 3.04
N LEU B 6 -12.75 -13.18 3.11
CA LEU B 6 -12.40 -12.22 4.16
C LEU B 6 -12.82 -10.81 3.78
N VAL B 7 -12.45 -10.37 2.58
CA VAL B 7 -12.81 -9.06 2.04
C VAL B 7 -13.28 -9.25 0.60
N GLN B 8 -14.43 -8.67 0.26
CA GLN B 8 -14.98 -8.80 -1.08
C GLN B 8 -14.17 -8.01 -2.10
N ALA B 9 -14.18 -8.48 -3.34
CA ALA B 9 -13.54 -7.75 -4.42
C ALA B 9 -14.10 -6.33 -4.51
N TPO B 10 -13.28 -5.39 -4.96
CA TPO B 10 -13.71 -4.02 -5.09
CB TPO B 10 -12.54 -3.09 -5.37
CG2 TPO B 10 -13.03 -1.64 -5.50
OG1 TPO B 10 -11.65 -3.16 -4.26
P TPO B 10 -10.26 -3.88 -4.66
O1P TPO B 10 -9.45 -4.03 -3.43
O2P TPO B 10 -10.52 -5.34 -5.29
O3P TPO B 10 -9.42 -2.96 -5.69
C TPO B 10 -14.75 -3.95 -6.21
O TPO B 10 -14.49 -4.41 -7.33
N PRO B 11 -15.94 -3.41 -5.90
CA PRO B 11 -17.01 -3.30 -6.89
C PRO B 11 -16.62 -2.41 -8.06
N ARG B 12 -16.99 -2.81 -9.28
CA ARG B 12 -16.91 -1.89 -10.41
C ARG B 12 -17.83 -0.71 -10.17
N LYS B 13 -17.30 0.50 -10.31
CA LYS B 13 -18.07 1.71 -10.04
C LYS B 13 -19.24 1.82 -11.02
N SER B 14 -20.37 2.30 -10.52
CA SER B 14 -21.51 2.56 -11.39
C SER B 14 -21.18 3.69 -12.37
N SER B 15 -21.98 3.77 -13.44
CA SER B 15 -21.73 4.75 -14.49
C SER B 15 -21.63 6.16 -13.91
N SER B 16 -22.45 6.47 -12.90
CA SER B 16 -22.52 7.77 -12.25
C SER B 16 -22.96 8.86 -13.22
N VAL B 17 -24.00 9.61 -12.86
CA VAL B 17 -24.50 10.63 -13.77
C VAL B 17 -23.44 11.70 -13.95
N ILE B 18 -23.23 12.13 -15.19
CA ILE B 18 -22.22 13.14 -15.48
C ILE B 18 -22.68 14.49 -14.94
N THR B 19 -21.77 15.19 -14.27
CA THR B 19 -22.08 16.47 -13.65
C THR B 19 -21.14 17.59 -14.07
N GLU B 20 -20.17 17.32 -14.93
CA GLU B 20 -19.12 18.28 -15.25
C GLU B 20 -18.50 17.88 -16.58
N LEU B 21 -18.32 18.84 -17.48
CA LEU B 21 -17.61 18.52 -18.70
C LEU B 21 -16.33 19.32 -18.75
N PRO B 22 -15.19 18.67 -18.98
CA PRO B 22 -13.90 19.33 -18.80
C PRO B 22 -13.61 20.33 -19.89
N ASP B 23 -12.89 21.38 -19.50
CA ASP B 23 -12.25 22.31 -20.42
C ASP B 23 -11.60 21.53 -21.56
N TPO B 24 -11.75 22.04 -22.78
CA TPO B 24 -11.18 21.37 -23.97
CB TPO B 24 -11.72 22.00 -25.25
CG2 TPO B 24 -10.99 21.38 -26.45
OG1 TPO B 24 -13.12 21.72 -25.37
P TPO B 24 -14.01 23.08 -25.27
O1P TPO B 24 -13.62 23.81 -23.92
O2P TPO B 24 -13.78 23.98 -26.57
O3P TPO B 24 -15.39 22.56 -25.31
C TPO B 24 -9.67 21.45 -23.92
O TPO B 24 -9.12 22.55 -23.85
N PRO B 25 -8.98 20.29 -23.92
CA PRO B 25 -7.53 20.30 -23.79
C PRO B 25 -6.85 21.07 -24.92
N ILE B 26 -5.77 21.76 -24.58
CA ILE B 26 -5.03 22.60 -25.52
C ILE B 26 -4.01 21.77 -26.29
C1 GOL C . -6.07 10.66 5.19
O1 GOL C . -5.15 11.41 5.93
C2 GOL C . -5.63 10.66 3.73
O2 GOL C . -5.49 9.32 3.29
C3 GOL C . -6.67 11.43 2.92
O3 GOL C . -6.80 12.72 3.47
C1 GOL D . 10.58 15.17 0.05
O1 GOL D . 10.37 13.78 0.11
C2 GOL D . 12.05 15.53 0.27
O2 GOL D . 12.46 15.13 1.57
C3 GOL D . 12.22 17.04 0.12
O3 GOL D . 11.51 17.71 1.14
CA CA E . 2.11 -1.17 -6.89
CA CA F . 7.23 2.23 18.65
#